data_3HPD
#
_entry.id   3HPD
#
_cell.length_a   112.242
_cell.length_b   112.242
_cell.length_c   112.242
_cell.angle_alpha   90.00
_cell.angle_beta   90.00
_cell.angle_gamma   90.00
#
_symmetry.space_group_name_H-M   'I 2 3'
#
loop_
_entity.id
_entity.type
_entity.pdbx_description
1 polymer 'Hydroxyethylthiazole kinase'
2 non-polymer 'PHOSPHATE ION'
3 water water
#
_entity_poly.entity_id   1
_entity_poly.type   'polypeptide(L)'
_entity_poly.pdbx_seq_one_letter_code
;MKFIIEALKRVRERRPLVHNITNFVVMNTTANALLALGASPVMAHAEEELEEMIRLADAVVINIGTLDSGWRRSMVKATE
IANELGKPIVLDPVGAGATKFRTRVSLEILSRGVDVLKGNFGEISALLGEEGKTRGVDSLEYGEEEAKKLTMNAAREFNT
TVAVTGAVDYVSDGRRTFAVYNGHELLGRVTGTGCMVAALTGAFVAVTEPLKATTSALVTFGIAAEKAYEEAKYPGSFHV
KLYDWLYRINENVIRTYAKVREVEL
;
_entity_poly.pdbx_strand_id   A
#
# COMPACT_ATOMS: atom_id res chain seq x y z
N MET A 1 -17.31 -7.25 2.62
CA MET A 1 -17.86 -5.88 2.72
C MET A 1 -18.11 -5.39 1.28
N LYS A 2 -19.31 -4.89 1.01
CA LYS A 2 -19.71 -4.44 -0.32
C LYS A 2 -18.80 -3.49 -1.11
N PHE A 3 -18.28 -2.45 -0.47
CA PHE A 3 -17.42 -1.51 -1.20
C PHE A 3 -16.11 -2.15 -1.67
N ILE A 4 -15.76 -3.28 -1.07
CA ILE A 4 -14.53 -3.98 -1.45
C ILE A 4 -14.75 -4.71 -2.77
N ILE A 5 -15.87 -5.40 -2.88
CA ILE A 5 -16.22 -6.13 -4.09
C ILE A 5 -16.34 -5.14 -5.24
N GLU A 6 -16.97 -4.01 -4.98
CA GLU A 6 -17.16 -2.99 -6.01
C GLU A 6 -15.84 -2.33 -6.40
N ALA A 7 -14.95 -2.13 -5.44
CA ALA A 7 -13.66 -1.51 -5.73
C ALA A 7 -12.83 -2.42 -6.65
N LEU A 8 -12.83 -3.71 -6.34
CA LEU A 8 -12.09 -4.68 -7.13
C LEU A 8 -12.60 -4.68 -8.56
N LYS A 9 -13.92 -4.66 -8.70
CA LYS A 9 -14.54 -4.64 -10.01
C LYS A 9 -14.11 -3.40 -10.77
N ARG A 10 -14.07 -2.25 -10.08
CA ARG A 10 -13.67 -1.00 -10.72
C ARG A 10 -12.21 -1.04 -11.18
N VAL A 11 -11.35 -1.63 -10.37
CA VAL A 11 -9.94 -1.73 -10.73
C VAL A 11 -9.80 -2.52 -12.02
N ARG A 12 -10.50 -3.65 -12.09
CA ARG A 12 -10.42 -4.50 -13.26
C ARG A 12 -11.09 -3.94 -14.51
N GLU A 13 -12.13 -3.14 -14.32
CA GLU A 13 -12.82 -2.53 -15.45
C GLU A 13 -12.02 -1.36 -16.00
N ARG A 14 -11.48 -0.54 -15.10
CA ARG A 14 -10.71 0.64 -15.49
C ARG A 14 -9.23 0.40 -15.80
N ARG A 15 -8.67 -0.69 -15.27
CA ARG A 15 -7.25 -1.00 -15.50
C ARG A 15 -6.37 0.24 -15.31
N PRO A 16 -6.34 0.81 -14.10
CA PRO A 16 -5.54 2.01 -13.84
C PRO A 16 -4.04 1.80 -14.01
N LEU A 17 -3.34 2.86 -14.42
CA LEU A 17 -1.89 2.83 -14.59
C LEU A 17 -1.31 3.35 -13.28
N VAL A 18 -0.52 2.51 -12.60
CA VAL A 18 0.05 2.90 -11.32
C VAL A 18 1.55 3.11 -11.44
N HIS A 19 1.98 4.36 -11.28
CA HIS A 19 3.37 4.73 -11.38
C HIS A 19 4.10 4.42 -10.07
N ASN A 20 5.13 3.59 -10.16
CA ASN A 20 5.92 3.22 -8.98
C ASN A 20 7.34 3.77 -9.01
N ILE A 21 7.73 4.44 -7.93
CA ILE A 21 9.09 4.94 -7.77
C ILE A 21 9.38 4.08 -6.54
N THR A 22 9.94 2.90 -6.80
CA THR A 22 10.12 1.95 -5.73
C THR A 22 11.52 1.40 -5.48
N ASN A 23 11.63 0.37 -4.65
CA ASN A 23 12.93 -0.21 -4.31
C ASN A 23 13.34 -1.39 -5.18
N PHE A 24 14.66 -1.61 -5.27
CA PHE A 24 15.22 -2.65 -6.12
C PHE A 24 14.79 -4.08 -5.83
N VAL A 25 14.43 -4.36 -4.58
CA VAL A 25 14.03 -5.70 -4.20
C VAL A 25 12.62 -6.06 -4.67
N VAL A 26 11.77 -5.05 -4.83
CA VAL A 26 10.38 -5.32 -5.22
C VAL A 26 9.94 -4.85 -6.61
N MET A 27 10.90 -4.46 -7.44
CA MET A 27 10.59 -4.00 -8.80
C MET A 27 9.71 -4.95 -9.60
N ASN A 28 10.16 -6.19 -9.76
CA ASN A 28 9.42 -7.19 -10.54
C ASN A 28 8.17 -7.69 -9.81
N THR A 29 8.39 -7.93 -8.54
CA THR A 29 7.41 -8.44 -7.63
C THR A 29 6.14 -7.56 -7.53
N THR A 30 6.29 -6.26 -7.33
CA THR A 30 5.11 -5.38 -7.23
C THR A 30 4.47 -5.15 -8.61
N ALA A 31 5.28 -5.20 -9.66
CA ALA A 31 4.77 -5.02 -11.01
C ALA A 31 3.84 -6.19 -11.34
N ASN A 32 4.29 -7.40 -11.03
CA ASN A 32 3.50 -8.57 -11.30
C ASN A 32 2.27 -8.67 -10.40
N ALA A 33 2.37 -8.12 -9.20
CA ALA A 33 1.23 -8.14 -8.29
C ALA A 33 0.15 -7.24 -8.90
N LEU A 34 0.55 -6.09 -9.41
CA LEU A 34 -0.39 -5.16 -10.02
C LEU A 34 -1.03 -5.78 -11.27
N LEU A 35 -0.23 -6.43 -12.11
CA LEU A 35 -0.77 -7.04 -13.32
C LEU A 35 -1.76 -8.16 -12.99
N ALA A 36 -1.44 -8.97 -11.98
CA ALA A 36 -2.32 -10.07 -11.59
C ALA A 36 -3.66 -9.53 -11.11
N LEU A 37 -3.63 -8.43 -10.35
CA LEU A 37 -4.86 -7.84 -9.82
C LEU A 37 -5.74 -7.28 -10.94
N GLY A 38 -5.12 -6.77 -11.99
CA GLY A 38 -5.87 -6.21 -13.10
C GLY A 38 -5.48 -4.78 -13.43
N ALA A 39 -4.43 -4.27 -12.80
CA ALA A 39 -3.96 -2.91 -13.06
C ALA A 39 -2.72 -2.98 -13.95
N SER A 40 -2.17 -1.81 -14.29
CA SER A 40 -0.97 -1.74 -15.12
C SER A 40 0.13 -0.98 -14.39
N PRO A 41 1.31 -1.58 -14.24
CA PRO A 41 2.39 -0.89 -13.54
C PRO A 41 3.34 -0.19 -14.50
N VAL A 42 4.03 0.81 -13.97
CA VAL A 42 5.07 1.51 -14.72
C VAL A 42 6.06 1.98 -13.68
N MET A 43 7.30 1.53 -13.82
CA MET A 43 8.37 1.92 -12.90
C MET A 43 9.26 2.95 -13.61
N ALA A 44 9.35 4.14 -13.04
CA ALA A 44 10.16 5.21 -13.62
C ALA A 44 10.58 6.17 -12.52
N HIS A 45 11.80 6.69 -12.63
CA HIS A 45 12.32 7.59 -11.61
C HIS A 45 13.11 8.78 -12.17
N ALA A 46 13.53 8.70 -13.43
CA ALA A 46 14.32 9.78 -14.02
C ALA A 46 13.61 11.13 -13.95
N GLU A 47 14.30 12.13 -13.41
CA GLU A 47 13.72 13.45 -13.30
C GLU A 47 13.35 14.00 -14.67
N GLU A 48 14.02 13.50 -15.71
CA GLU A 48 13.75 13.94 -17.07
C GLU A 48 12.38 13.49 -17.61
N GLU A 49 11.73 12.54 -16.94
CA GLU A 49 10.43 12.06 -17.40
C GLU A 49 9.38 11.97 -16.32
N LEU A 50 9.69 12.39 -15.09
CA LEU A 50 8.73 12.32 -14.00
C LEU A 50 7.41 13.02 -14.32
N GLU A 51 7.48 14.25 -14.83
CA GLU A 51 6.24 14.97 -15.11
C GLU A 51 5.37 14.25 -16.13
N GLU A 52 5.96 13.83 -17.25
CA GLU A 52 5.19 13.14 -18.27
C GLU A 52 4.62 11.79 -17.79
N MET A 53 5.39 11.10 -16.97
CA MET A 53 4.94 9.79 -16.48
C MET A 53 3.81 9.94 -15.44
N ILE A 54 3.94 10.90 -14.54
CA ILE A 54 2.92 11.12 -13.51
C ILE A 54 1.64 11.66 -14.16
N ARG A 55 1.79 12.37 -15.27
CA ARG A 55 0.65 12.91 -16.00
C ARG A 55 -0.11 11.75 -16.61
N LEU A 56 0.65 10.77 -17.06
CA LEU A 56 0.12 9.57 -17.70
C LEU A 56 -0.56 8.65 -16.70
N ALA A 57 0.01 8.57 -15.49
CA ALA A 57 -0.49 7.70 -14.43
C ALA A 57 -1.79 8.13 -13.76
N ASP A 58 -2.41 7.17 -13.07
CA ASP A 58 -3.65 7.42 -12.35
C ASP A 58 -3.38 7.46 -10.84
N ALA A 59 -2.20 7.02 -10.46
CA ALA A 59 -1.80 7.01 -9.06
C ALA A 59 -0.29 6.84 -8.99
N VAL A 60 0.30 7.30 -7.89
CA VAL A 60 1.74 7.20 -7.70
C VAL A 60 2.06 6.48 -6.39
N VAL A 61 2.92 5.47 -6.47
CA VAL A 61 3.33 4.71 -5.29
C VAL A 61 4.81 4.97 -5.04
N ILE A 62 5.14 5.46 -3.84
CA ILE A 62 6.52 5.75 -3.46
C ILE A 62 6.94 4.76 -2.38
N ASN A 63 8.06 4.08 -2.61
CA ASN A 63 8.58 3.09 -1.69
C ASN A 63 10.08 3.38 -1.49
N ILE A 64 10.46 3.74 -0.26
CA ILE A 64 11.85 4.10 0.04
C ILE A 64 12.77 2.96 0.47
N GLY A 65 12.36 1.71 0.22
CA GLY A 65 13.14 0.55 0.62
C GLY A 65 14.64 0.53 0.34
N THR A 66 15.04 1.06 -0.81
CA THR A 66 16.47 1.08 -1.16
C THR A 66 16.84 2.46 -1.68
N LEU A 67 16.41 3.50 -0.99
CA LEU A 67 16.69 4.86 -1.43
C LEU A 67 18.14 5.33 -1.28
N ASP A 68 18.44 6.43 -1.97
CA ASP A 68 19.73 7.10 -1.90
C ASP A 68 19.44 8.55 -2.25
N SER A 69 20.45 9.41 -2.25
CA SER A 69 20.23 10.83 -2.54
C SER A 69 19.55 11.07 -3.89
N GLY A 70 19.91 10.27 -4.89
CA GLY A 70 19.32 10.44 -6.21
C GLY A 70 17.85 10.09 -6.23
N TRP A 71 17.48 8.94 -5.65
CA TRP A 71 16.09 8.54 -5.63
C TRP A 71 15.25 9.44 -4.73
N ARG A 72 15.86 9.97 -3.68
CA ARG A 72 15.13 10.87 -2.77
C ARG A 72 14.66 12.08 -3.55
N ARG A 73 15.55 12.62 -4.37
CA ARG A 73 15.25 13.79 -5.17
C ARG A 73 14.06 13.49 -6.08
N SER A 74 14.08 12.31 -6.71
CA SER A 74 12.99 11.91 -7.59
C SER A 74 11.68 11.73 -6.84
N MET A 75 11.74 11.11 -5.66
CA MET A 75 10.55 10.89 -4.86
C MET A 75 9.89 12.16 -4.35
N VAL A 76 10.71 13.11 -3.91
CA VAL A 76 10.19 14.38 -3.42
C VAL A 76 9.58 15.18 -4.56
N LYS A 77 10.26 15.17 -5.71
CA LYS A 77 9.78 15.89 -6.88
C LYS A 77 8.47 15.26 -7.37
N ALA A 78 8.42 13.93 -7.37
CA ALA A 78 7.23 13.21 -7.80
C ALA A 78 6.05 13.58 -6.92
N THR A 79 6.30 13.68 -5.62
CA THR A 79 5.24 14.01 -4.68
C THR A 79 4.68 15.40 -4.99
N GLU A 80 5.56 16.34 -5.30
CA GLU A 80 5.13 17.69 -5.61
C GLU A 80 4.35 17.72 -6.93
N ILE A 81 4.81 16.98 -7.92
CA ILE A 81 4.14 16.92 -9.22
C ILE A 81 2.76 16.26 -9.10
N ALA A 82 2.71 15.11 -8.41
CA ALA A 82 1.45 14.40 -8.22
C ALA A 82 0.43 15.26 -7.49
N ASN A 83 0.86 15.97 -6.44
CA ASN A 83 -0.07 16.80 -5.70
C ASN A 83 -0.60 17.97 -6.54
N GLU A 84 0.26 18.54 -7.38
CA GLU A 84 -0.18 19.64 -8.24
C GLU A 84 -1.26 19.15 -9.20
N LEU A 85 -1.09 17.93 -9.71
CA LEU A 85 -2.03 17.34 -10.66
C LEU A 85 -3.23 16.67 -10.00
N GLY A 86 -3.12 16.39 -8.72
CA GLY A 86 -4.22 15.73 -8.03
C GLY A 86 -4.20 14.22 -8.21
N LYS A 87 -3.02 13.66 -8.49
CA LYS A 87 -2.91 12.22 -8.64
C LYS A 87 -2.67 11.65 -7.23
N PRO A 88 -3.46 10.67 -6.80
CA PRO A 88 -3.27 10.12 -5.46
C PRO A 88 -1.88 9.50 -5.24
N ILE A 89 -1.34 9.72 -4.05
CA ILE A 89 -0.02 9.20 -3.69
C ILE A 89 -0.07 8.21 -2.53
N VAL A 90 0.62 7.09 -2.69
CA VAL A 90 0.70 6.07 -1.64
C VAL A 90 2.17 6.00 -1.22
N LEU A 91 2.42 6.16 0.08
CA LEU A 91 3.79 6.10 0.57
C LEU A 91 4.01 4.90 1.50
N ASP A 92 5.04 4.11 1.21
CA ASP A 92 5.38 2.98 2.06
C ASP A 92 6.76 3.35 2.60
N PRO A 93 6.82 3.81 3.86
CA PRO A 93 8.05 4.22 4.56
C PRO A 93 8.92 3.07 5.04
N VAL A 94 9.27 2.18 4.11
CA VAL A 94 10.08 1.02 4.45
C VAL A 94 11.33 1.37 5.25
N GLY A 95 11.41 0.86 6.47
CA GLY A 95 12.58 1.11 7.29
C GLY A 95 12.59 2.38 8.10
N ALA A 96 11.50 3.16 8.05
CA ALA A 96 11.44 4.38 8.85
C ALA A 96 11.64 3.93 10.29
N GLY A 97 12.44 4.67 11.06
CA GLY A 97 12.70 4.30 12.43
C GLY A 97 13.99 3.49 12.55
N ALA A 98 14.39 2.86 11.43
CA ALA A 98 15.62 2.07 11.40
C ALA A 98 16.83 2.98 11.16
N THR A 99 16.65 3.99 10.33
CA THR A 99 17.73 4.95 10.05
C THR A 99 17.09 6.32 9.99
N LYS A 100 17.84 7.34 10.40
CA LYS A 100 17.33 8.71 10.38
C LYS A 100 17.03 9.13 8.96
N PHE A 101 17.85 8.67 8.01
CA PHE A 101 17.69 8.98 6.61
C PHE A 101 16.30 8.60 6.11
N ARG A 102 15.85 7.40 6.46
CA ARG A 102 14.54 6.93 6.03
C ARG A 102 13.41 7.66 6.75
N THR A 103 13.61 7.96 8.02
CA THR A 103 12.60 8.68 8.80
C THR A 103 12.50 10.10 8.25
N ARG A 104 13.65 10.72 8.01
CA ARG A 104 13.70 12.08 7.48
C ARG A 104 13.01 12.21 6.13
N VAL A 105 13.35 11.34 5.19
CA VAL A 105 12.76 11.38 3.86
C VAL A 105 11.26 11.11 3.91
N SER A 106 10.84 10.18 4.77
CA SER A 106 9.42 9.87 4.90
C SER A 106 8.65 11.11 5.37
N LEU A 107 9.17 11.78 6.39
CA LEU A 107 8.51 12.97 6.92
C LEU A 107 8.48 14.11 5.91
N GLU A 108 9.53 14.18 5.08
CA GLU A 108 9.64 15.20 4.06
C GLU A 108 8.52 15.04 3.04
N ILE A 109 8.27 13.79 2.66
CA ILE A 109 7.22 13.48 1.70
C ILE A 109 5.85 13.70 2.34
N LEU A 110 5.71 13.27 3.59
CA LEU A 110 4.46 13.44 4.32
C LEU A 110 4.12 14.91 4.53
N SER A 111 5.15 15.74 4.67
CA SER A 111 4.95 17.17 4.88
C SER A 111 4.31 17.79 3.65
N ARG A 112 4.71 17.31 2.47
CA ARG A 112 4.15 17.81 1.23
C ARG A 112 2.74 17.26 1.03
N GLY A 113 2.49 16.06 1.57
CA GLY A 113 1.17 15.47 1.47
C GLY A 113 1.01 14.23 0.62
N VAL A 114 0.45 13.18 1.23
CA VAL A 114 0.19 11.93 0.55
C VAL A 114 -1.26 11.56 0.82
N ASP A 115 -1.80 10.61 0.07
CA ASP A 115 -3.18 10.20 0.23
C ASP A 115 -3.32 8.96 1.10
N VAL A 116 -2.27 8.15 1.13
CA VAL A 116 -2.25 6.93 1.93
C VAL A 116 -0.84 6.70 2.45
N LEU A 117 -0.74 6.43 3.75
CA LEU A 117 0.55 6.12 4.39
C LEU A 117 0.33 4.70 4.90
N LYS A 118 1.18 3.78 4.46
CA LYS A 118 1.07 2.39 4.87
C LYS A 118 2.34 1.77 5.38
N GLY A 119 2.35 1.30 6.62
CA GLY A 119 3.54 0.67 7.16
C GLY A 119 3.25 -0.19 8.36
N ASN A 120 4.27 -0.83 8.94
CA ASN A 120 4.04 -1.65 10.11
C ASN A 120 4.06 -0.78 11.37
N PHE A 121 3.82 -1.40 12.52
CA PHE A 121 3.78 -0.65 13.78
C PHE A 121 5.04 0.17 14.06
N GLY A 122 6.20 -0.46 13.93
CA GLY A 122 7.44 0.25 14.19
C GLY A 122 7.68 1.46 13.31
N GLU A 123 7.40 1.32 12.02
CA GLU A 123 7.58 2.40 11.07
C GLU A 123 6.66 3.58 11.32
N ILE A 124 5.37 3.31 11.50
CA ILE A 124 4.42 4.39 11.73
C ILE A 124 4.63 5.03 13.11
N SER A 125 4.95 4.23 14.12
CA SER A 125 5.17 4.78 15.45
C SER A 125 6.40 5.69 15.45
N ALA A 126 7.40 5.32 14.67
CA ALA A 126 8.63 6.12 14.58
C ALA A 126 8.34 7.46 13.89
N LEU A 127 7.48 7.44 12.89
CA LEU A 127 7.13 8.66 12.16
C LEU A 127 6.30 9.61 13.01
N LEU A 128 5.35 9.07 13.77
CA LEU A 128 4.51 9.88 14.63
C LEU A 128 5.32 10.41 15.80
N GLY A 129 6.27 9.60 16.27
CA GLY A 129 7.10 10.01 17.38
C GLY A 129 8.06 11.12 17.01
N GLU A 130 8.78 10.93 15.91
CA GLU A 130 9.73 11.92 15.42
C GLU A 130 9.01 13.21 15.07
N GLU A 131 7.87 13.08 14.40
CA GLU A 131 7.08 14.24 13.99
C GLU A 131 6.74 15.13 15.18
N GLY A 132 6.34 14.51 16.29
CA GLY A 132 5.99 15.28 17.48
C GLY A 132 7.17 15.53 18.41
N GLY A 143 -1.29 -5.41 21.24
CA GLY A 143 -1.08 -4.69 20.01
C GLY A 143 -2.32 -4.02 19.43
N GLU A 144 -3.46 -4.73 19.47
CA GLU A 144 -4.69 -4.19 18.90
C GLU A 144 -5.18 -2.80 19.32
N GLU A 145 -5.46 -2.57 20.61
CA GLU A 145 -5.93 -1.24 21.01
C GLU A 145 -4.85 -0.19 20.72
N GLU A 146 -3.61 -0.56 20.98
CA GLU A 146 -2.49 0.36 20.76
C GLU A 146 -2.27 0.61 19.26
N ALA A 147 -2.44 -0.42 18.44
CA ALA A 147 -2.28 -0.29 17.00
C ALA A 147 -3.39 0.59 16.44
N LYS A 148 -4.60 0.42 16.98
CA LYS A 148 -5.75 1.20 16.54
C LYS A 148 -5.54 2.68 16.87
N LYS A 149 -5.08 2.95 18.09
CA LYS A 149 -4.84 4.33 18.50
C LYS A 149 -3.74 4.95 17.65
N LEU A 150 -2.70 4.18 17.35
CA LEU A 150 -1.59 4.68 16.54
C LEU A 150 -2.09 5.07 15.15
N THR A 151 -2.86 4.19 14.54
CA THR A 151 -3.40 4.44 13.21
C THR A 151 -4.17 5.75 13.17
N MET A 152 -5.06 5.96 14.13
CA MET A 152 -5.85 7.18 14.21
C MET A 152 -5.02 8.44 14.42
N ASN A 153 -4.14 8.42 15.41
CA ASN A 153 -3.31 9.58 15.70
C ASN A 153 -2.43 9.95 14.51
N ALA A 154 -1.90 8.94 13.84
CA ALA A 154 -1.04 9.18 12.67
C ALA A 154 -1.87 9.77 11.53
N ALA A 155 -3.10 9.30 11.38
CA ALA A 155 -3.97 9.80 10.32
C ALA A 155 -4.28 11.27 10.52
N ARG A 156 -4.53 11.67 11.77
CA ARG A 156 -4.84 13.06 12.05
C ARG A 156 -3.56 13.90 11.97
N GLU A 157 -2.46 13.35 12.47
CA GLU A 157 -1.18 14.04 12.46
C GLU A 157 -0.75 14.39 11.04
N PHE A 158 -0.83 13.42 10.14
CA PHE A 158 -0.40 13.62 8.76
C PHE A 158 -1.53 13.95 7.78
N ASN A 159 -2.73 14.19 8.31
CA ASN A 159 -3.89 14.54 7.50
C ASN A 159 -4.04 13.62 6.29
N THR A 160 -4.07 12.33 6.53
CA THR A 160 -4.18 11.37 5.44
C THR A 160 -4.76 10.06 5.97
N THR A 161 -4.90 9.08 5.10
CA THR A 161 -5.39 7.76 5.51
C THR A 161 -4.16 6.97 5.87
N VAL A 162 -4.18 6.33 7.03
CA VAL A 162 -3.04 5.54 7.47
C VAL A 162 -3.43 4.11 7.74
N ALA A 163 -2.52 3.20 7.42
CA ALA A 163 -2.74 1.80 7.68
C ALA A 163 -1.52 1.30 8.44
N VAL A 164 -1.78 0.68 9.59
CA VAL A 164 -0.72 0.08 10.40
C VAL A 164 -0.98 -1.41 10.22
N THR A 165 -0.11 -2.07 9.47
CA THR A 165 -0.26 -3.48 9.19
C THR A 165 0.26 -4.39 10.30
N GLY A 166 -0.32 -5.59 10.40
CA GLY A 166 0.08 -6.54 11.41
C GLY A 166 -0.83 -7.76 11.33
N ALA A 167 -0.79 -8.60 12.37
CA ALA A 167 -1.64 -9.79 12.39
C ALA A 167 -3.05 -9.30 12.05
N VAL A 168 -3.41 -8.18 12.66
CA VAL A 168 -4.68 -7.53 12.40
C VAL A 168 -4.26 -6.15 11.87
N ASP A 169 -4.80 -5.77 10.71
CA ASP A 169 -4.45 -4.47 10.14
C ASP A 169 -5.50 -3.45 10.55
N TYR A 170 -5.06 -2.20 10.74
CA TYR A 170 -5.97 -1.12 11.07
C TYR A 170 -5.78 -0.01 10.03
N VAL A 171 -6.90 0.52 9.55
CA VAL A 171 -6.88 1.57 8.55
C VAL A 171 -7.80 2.68 9.05
N SER A 172 -7.32 3.92 9.02
CA SER A 172 -8.14 5.03 9.48
C SER A 172 -7.83 6.32 8.73
N ASP A 173 -8.86 7.16 8.57
CA ASP A 173 -8.69 8.44 7.91
C ASP A 173 -8.84 9.52 8.97
N GLY A 174 -8.85 9.09 10.24
CA GLY A 174 -8.97 10.01 11.34
C GLY A 174 -10.38 10.07 11.93
N ARG A 175 -11.37 9.73 11.12
CA ARG A 175 -12.76 9.75 11.57
C ARG A 175 -13.34 8.33 11.64
N ARG A 176 -13.08 7.54 10.61
CA ARG A 176 -13.55 6.16 10.56
C ARG A 176 -12.37 5.21 10.59
N THR A 177 -12.57 4.01 11.12
CA THR A 177 -11.51 3.04 11.21
C THR A 177 -12.01 1.63 10.89
N PHE A 178 -11.18 0.86 10.20
CA PHE A 178 -11.51 -0.51 9.83
C PHE A 178 -10.42 -1.45 10.33
N ALA A 179 -10.82 -2.66 10.69
CA ALA A 179 -9.89 -3.68 11.15
C ALA A 179 -9.95 -4.82 10.13
N VAL A 180 -8.79 -5.26 9.67
CA VAL A 180 -8.72 -6.35 8.70
C VAL A 180 -8.06 -7.56 9.35
N TYR A 181 -8.77 -8.69 9.36
CA TYR A 181 -8.26 -9.90 9.98
C TYR A 181 -7.68 -10.93 9.01
N ASN A 182 -7.81 -10.67 7.70
CA ASN A 182 -7.31 -11.58 6.69
C ASN A 182 -5.78 -11.57 6.60
N GLY A 183 -5.24 -12.68 6.09
CA GLY A 183 -3.80 -12.80 5.95
C GLY A 183 -3.27 -14.13 6.45
N HIS A 184 -1.96 -14.32 6.34
CA HIS A 184 -1.34 -15.55 6.81
C HIS A 184 0.10 -15.27 7.21
N GLU A 185 0.54 -15.91 8.29
CA GLU A 185 1.88 -15.69 8.81
C GLU A 185 3.03 -16.02 7.85
N LEU A 186 2.80 -16.89 6.88
CA LEU A 186 3.88 -17.24 5.97
C LEU A 186 4.33 -16.03 5.14
N LEU A 187 3.52 -14.98 5.13
CA LEU A 187 3.88 -13.77 4.40
C LEU A 187 5.19 -13.25 4.97
N GLY A 188 5.47 -13.61 6.22
CA GLY A 188 6.69 -13.18 6.87
C GLY A 188 7.94 -13.79 6.24
N ARG A 189 7.75 -14.81 5.42
CA ARG A 189 8.88 -15.48 4.77
C ARG A 189 9.03 -15.11 3.30
N VAL A 190 8.29 -14.10 2.87
CA VAL A 190 8.37 -13.62 1.50
C VAL A 190 8.69 -12.13 1.61
N THR A 191 9.75 -11.68 0.95
CA THR A 191 10.15 -10.29 1.06
C THR A 191 9.26 -9.31 0.29
N GLY A 192 9.08 -8.12 0.88
CA GLY A 192 8.30 -7.08 0.25
C GLY A 192 6.81 -7.32 0.09
N THR A 193 6.20 -8.08 1.00
CA THR A 193 4.76 -8.32 0.90
C THR A 193 3.98 -7.06 1.28
N GLY A 194 4.50 -6.30 2.24
CA GLY A 194 3.84 -5.06 2.61
C GLY A 194 3.95 -4.10 1.45
N CYS A 195 5.05 -4.21 0.71
CA CYS A 195 5.28 -3.35 -0.45
C CYS A 195 4.30 -3.72 -1.56
N MET A 196 3.94 -5.00 -1.63
CA MET A 196 2.97 -5.45 -2.62
C MET A 196 1.64 -4.78 -2.30
N VAL A 197 1.31 -4.75 -1.01
CA VAL A 197 0.07 -4.12 -0.57
C VAL A 197 0.04 -2.63 -0.91
N ALA A 198 1.17 -1.96 -0.75
CA ALA A 198 1.25 -0.54 -1.06
C ALA A 198 1.00 -0.34 -2.56
N ALA A 199 1.60 -1.20 -3.38
CA ALA A 199 1.44 -1.10 -4.83
C ALA A 199 -0.02 -1.35 -5.22
N LEU A 200 -0.64 -2.36 -4.62
CA LEU A 200 -2.04 -2.67 -4.92
C LEU A 200 -2.95 -1.53 -4.48
N THR A 201 -2.60 -0.91 -3.35
CA THR A 201 -3.37 0.22 -2.84
C THR A 201 -3.36 1.32 -3.89
N GLY A 202 -2.25 1.44 -4.61
CA GLY A 202 -2.15 2.45 -5.64
C GLY A 202 -3.22 2.24 -6.70
N ALA A 203 -3.50 0.98 -7.02
CA ALA A 203 -4.52 0.66 -8.01
C ALA A 203 -5.92 0.98 -7.47
N PHE A 204 -6.17 0.60 -6.21
CA PHE A 204 -7.46 0.86 -5.60
C PHE A 204 -7.75 2.35 -5.39
N VAL A 205 -6.73 3.10 -4.99
CA VAL A 205 -6.93 4.53 -4.74
C VAL A 205 -7.20 5.31 -6.02
N ALA A 206 -6.89 4.70 -7.16
CA ALA A 206 -7.14 5.34 -8.44
C ALA A 206 -8.62 5.29 -8.79
N VAL A 207 -9.35 4.36 -8.15
CA VAL A 207 -10.78 4.21 -8.43
C VAL A 207 -11.74 4.41 -7.26
N THR A 208 -11.21 4.63 -6.06
CA THR A 208 -12.06 4.84 -4.89
C THR A 208 -11.31 5.63 -3.82
N GLU A 209 -12.06 6.25 -2.90
CA GLU A 209 -11.43 7.04 -1.86
C GLU A 209 -10.46 6.24 -1.00
N PRO A 210 -9.39 6.91 -0.49
CA PRO A 210 -8.32 6.37 0.34
C PRO A 210 -8.65 5.35 1.43
N LEU A 211 -9.62 5.65 2.29
CA LEU A 211 -9.95 4.71 3.36
C LEU A 211 -10.46 3.38 2.81
N LYS A 212 -11.41 3.45 1.88
CA LYS A 212 -11.96 2.24 1.29
C LYS A 212 -10.96 1.55 0.37
N ALA A 213 -10.13 2.34 -0.31
CA ALA A 213 -9.13 1.79 -1.22
C ALA A 213 -8.10 0.95 -0.47
N THR A 214 -7.56 1.52 0.61
CA THR A 214 -6.55 0.83 1.40
C THR A 214 -7.14 -0.40 2.09
N THR A 215 -8.35 -0.26 2.64
CA THR A 215 -9.00 -1.39 3.31
C THR A 215 -9.22 -2.50 2.29
N SER A 216 -9.65 -2.12 1.08
CA SER A 216 -9.89 -3.12 0.03
C SER A 216 -8.60 -3.84 -0.36
N ALA A 217 -7.50 -3.10 -0.40
CA ALA A 217 -6.21 -3.69 -0.77
C ALA A 217 -5.77 -4.71 0.26
N LEU A 218 -5.95 -4.38 1.53
CA LEU A 218 -5.55 -5.27 2.61
C LEU A 218 -6.39 -6.53 2.67
N VAL A 219 -7.69 -6.40 2.42
CA VAL A 219 -8.59 -7.55 2.43
C VAL A 219 -8.27 -8.46 1.25
N THR A 220 -8.17 -7.85 0.06
CA THR A 220 -7.87 -8.61 -1.15
C THR A 220 -6.55 -9.37 -1.04
N PHE A 221 -5.50 -8.68 -0.60
CA PHE A 221 -4.19 -9.33 -0.48
C PHE A 221 -4.18 -10.36 0.64
N GLY A 222 -4.87 -10.03 1.74
CA GLY A 222 -4.93 -10.95 2.86
C GLY A 222 -5.60 -12.26 2.49
N ILE A 223 -6.66 -12.16 1.69
CA ILE A 223 -7.39 -13.34 1.23
C ILE A 223 -6.50 -14.13 0.26
N ALA A 224 -5.78 -13.41 -0.61
CA ALA A 224 -4.91 -14.07 -1.56
C ALA A 224 -3.87 -14.89 -0.81
N ALA A 225 -3.40 -14.34 0.31
CA ALA A 225 -2.40 -15.01 1.14
C ALA A 225 -2.97 -16.31 1.72
N GLU A 226 -4.22 -16.23 2.21
CA GLU A 226 -4.87 -17.41 2.78
C GLU A 226 -5.05 -18.47 1.71
N LYS A 227 -5.52 -18.06 0.53
CA LYS A 227 -5.74 -18.98 -0.58
C LYS A 227 -4.44 -19.59 -1.08
N ALA A 228 -3.38 -18.79 -1.09
CA ALA A 228 -2.08 -19.29 -1.55
C ALA A 228 -1.57 -20.36 -0.60
N TYR A 229 -1.72 -20.12 0.70
CA TYR A 229 -1.25 -21.09 1.67
C TYR A 229 -2.00 -22.42 1.55
N GLU A 230 -3.28 -22.35 1.19
CA GLU A 230 -4.07 -23.56 1.04
C GLU A 230 -3.43 -24.47 -0.01
N GLU A 231 -2.82 -23.86 -1.01
CA GLU A 231 -2.17 -24.58 -2.10
C GLU A 231 -0.67 -24.80 -1.96
N ALA A 232 0.00 -23.96 -1.16
CA ALA A 232 1.45 -24.05 -0.99
C ALA A 232 1.87 -23.68 0.42
N LYS A 233 2.44 -24.64 1.13
CA LYS A 233 2.86 -24.46 2.52
C LYS A 233 4.29 -23.96 2.73
N TYR A 234 5.04 -23.81 1.64
CA TYR A 234 6.43 -23.36 1.73
C TYR A 234 6.64 -22.06 0.97
N PRO A 235 7.57 -21.20 1.45
CA PRO A 235 7.92 -19.89 0.90
C PRO A 235 8.01 -19.68 -0.61
N GLY A 236 8.72 -20.56 -1.31
CA GLY A 236 8.86 -20.41 -2.75
C GLY A 236 7.55 -20.59 -3.50
N SER A 237 6.90 -21.74 -3.30
CA SER A 237 5.64 -22.04 -3.94
C SER A 237 4.53 -21.11 -3.48
N PHE A 238 4.60 -20.72 -2.20
CA PHE A 238 3.60 -19.81 -1.62
C PHE A 238 3.67 -18.45 -2.33
N HIS A 239 4.89 -17.97 -2.56
CA HIS A 239 5.10 -16.69 -3.23
C HIS A 239 4.44 -16.70 -4.60
N VAL A 240 4.66 -17.78 -5.36
CA VAL A 240 4.09 -17.91 -6.69
C VAL A 240 2.56 -17.88 -6.66
N LYS A 241 1.97 -18.57 -5.69
CA LYS A 241 0.52 -18.62 -5.58
C LYS A 241 -0.14 -17.28 -5.21
N LEU A 242 0.65 -16.35 -4.67
CA LEU A 242 0.08 -15.04 -4.33
C LEU A 242 -0.43 -14.36 -5.60
N TYR A 243 0.36 -14.41 -6.65
CA TYR A 243 -0.03 -13.80 -7.93
C TYR A 243 -1.22 -14.53 -8.52
N ASP A 244 -1.23 -15.86 -8.40
CA ASP A 244 -2.32 -16.65 -8.93
C ASP A 244 -3.64 -16.20 -8.32
N TRP A 245 -3.65 -16.00 -7.00
CA TRP A 245 -4.89 -15.59 -6.35
C TRP A 245 -5.26 -14.13 -6.46
N LEU A 246 -4.29 -13.26 -6.70
CA LEU A 246 -4.62 -11.84 -6.88
C LEU A 246 -5.41 -11.76 -8.18
N TYR A 247 -5.17 -12.74 -9.04
CA TYR A 247 -5.82 -12.84 -10.35
C TYR A 247 -7.16 -13.56 -10.24
N ARG A 248 -7.20 -14.65 -9.47
CA ARG A 248 -8.40 -15.45 -9.31
C ARG A 248 -9.45 -14.92 -8.35
N ILE A 249 -9.03 -14.15 -7.35
CA ILE A 249 -9.99 -13.64 -6.38
C ILE A 249 -11.13 -12.92 -7.11
N ASN A 250 -12.36 -13.19 -6.67
CA ASN A 250 -13.54 -12.59 -7.27
C ASN A 250 -14.60 -12.32 -6.19
N GLU A 251 -15.80 -11.95 -6.63
CA GLU A 251 -16.87 -11.66 -5.68
C GLU A 251 -17.17 -12.78 -4.71
N ASN A 252 -17.30 -14.01 -5.21
CA ASN A 252 -17.62 -15.14 -4.35
C ASN A 252 -16.54 -15.38 -3.30
N VAL A 253 -15.27 -15.31 -3.71
CA VAL A 253 -14.17 -15.53 -2.78
C VAL A 253 -14.16 -14.47 -1.69
N ILE A 254 -14.38 -13.21 -2.08
CA ILE A 254 -14.40 -12.12 -1.10
C ILE A 254 -15.56 -12.33 -0.14
N ARG A 255 -16.72 -12.68 -0.68
CA ARG A 255 -17.91 -12.92 0.14
C ARG A 255 -17.70 -14.01 1.17
N THR A 256 -17.03 -15.08 0.76
CA THR A 256 -16.79 -16.23 1.64
C THR A 256 -15.55 -16.15 2.53
N TYR A 257 -14.55 -15.36 2.15
CA TYR A 257 -13.31 -15.26 2.93
C TYR A 257 -13.04 -13.97 3.68
N ALA A 258 -13.65 -12.87 3.24
CA ALA A 258 -13.40 -11.58 3.88
C ALA A 258 -13.67 -11.54 5.38
N LYS A 259 -12.70 -11.01 6.12
CA LYS A 259 -12.79 -10.84 7.56
C LYS A 259 -12.42 -9.39 7.82
N VAL A 260 -13.42 -8.52 7.84
CA VAL A 260 -13.20 -7.09 8.05
C VAL A 260 -14.38 -6.46 8.75
N ARG A 261 -14.13 -5.46 9.59
CA ARG A 261 -15.20 -4.79 10.30
C ARG A 261 -14.85 -3.34 10.58
N GLU A 262 -15.87 -2.50 10.68
CA GLU A 262 -15.65 -1.09 10.99
C GLU A 262 -15.58 -1.01 12.51
N VAL A 263 -14.60 -0.25 13.00
CA VAL A 263 -14.40 -0.12 14.44
C VAL A 263 -15.02 1.14 15.03
N GLU A 264 -15.26 1.10 16.34
CA GLU A 264 -15.84 2.21 17.09
C GLU A 264 -17.31 2.44 16.74
#